data_6GSX
#
_entry.id   6GSX
#
_cell.length_a   87.840
_cell.length_b   69.220
_cell.length_c   81.320
_cell.angle_alpha   90.00
_cell.angle_beta   105.90
_cell.angle_gamma   90.00
#
_symmetry.space_group_name_H-M   'C 1 2 1'
#
loop_
_entity.id
_entity.type
_entity.pdbx_description
1 polymer 'MU CLASS GLUTATHIONE S-TRANSFERASE OF ISOENZYME 3-3'
2 non-polymer 'SULFATE ION'
3 non-polymer L-gamma-glutamyl-S-[(9S,10S)-10-hydroxy-9,10-dihydrophenanthren-9-yl]-L-cysteinylglycine
4 water water
#
_entity_poly.entity_id   1
_entity_poly.type   'polypeptide(L)'
_entity_poly.pdbx_seq_one_letter_code
;PMILGFWNVRGLTHPIRLLLEYTDSSYEEKRYAMGDAPDYDRSQWLNEKFKLGLDFPNLPYLIDGSRKITQSNAIMRYLA
RKHHLCGETEEERIRADIVENQVMDNRMQLIMLCYNPDFEKQKPEFLKTIPEKMKLYSEFLGKRPWFAGDKVTYVDFLAY
DILDQYHIFEPKCLDAFPNLKDFLARFEGLKKISAYMKSSRYLSTPIFSKLAQWSNK
;
_entity_poly.pdbx_strand_id   A,B
#
loop_
_chem_comp.id
_chem_comp.type
_chem_comp.name
_chem_comp.formula
GPS non-polymer L-gamma-glutamyl-S-[(9S,10S)-10-hydroxy-9,10-dihydrophenanthren-9-yl]-L-cysteinylglycine 'C24 H27 N3 O7 S'
SO4 non-polymer 'SULFATE ION' 'O4 S -2'
#
# COMPACT_ATOMS: atom_id res chain seq x y z
N PRO A 1 -22.52 7.23 16.64
CA PRO A 1 -21.56 6.12 16.43
C PRO A 1 -20.45 6.50 15.45
N MET A 2 -19.59 5.53 15.14
CA MET A 2 -18.52 5.75 14.13
C MET A 2 -19.20 5.73 12.77
N ILE A 3 -18.71 6.51 11.86
CA ILE A 3 -19.31 6.53 10.51
C ILE A 3 -18.31 5.90 9.56
N LEU A 4 -18.70 4.90 8.85
CA LEU A 4 -17.90 4.39 7.72
C LEU A 4 -18.43 4.86 6.41
N GLY A 5 -17.76 5.61 5.56
CA GLY A 5 -18.16 5.92 4.20
C GLY A 5 -17.48 5.12 3.10
N PHE A 6 -18.16 4.68 2.08
CA PHE A 6 -17.61 3.95 0.93
C PHE A 6 -18.68 3.91 -0.16
N TRP A 7 -18.39 3.37 -1.31
CA TRP A 7 -19.30 3.11 -2.42
C TRP A 7 -20.17 1.92 -1.96
N ASN A 8 -21.25 1.71 -2.70
CA ASN A 8 -22.21 0.66 -2.24
C ASN A 8 -21.84 -0.65 -2.92
N VAL A 9 -20.52 -0.95 -2.80
CA VAL A 9 -19.94 -2.17 -3.37
C VAL A 9 -18.97 -2.69 -2.30
N ARG A 10 -18.46 -3.89 -2.57
CA ARG A 10 -17.52 -4.51 -1.54
C ARG A 10 -16.16 -3.83 -1.69
N GLY A 11 -15.75 -3.62 -2.90
CA GLY A 11 -14.48 -2.94 -3.26
C GLY A 11 -13.33 -3.38 -2.37
N LEU A 12 -12.66 -2.46 -1.70
CA LEU A 12 -11.58 -2.76 -0.76
C LEU A 12 -11.91 -2.55 0.66
N THR A 13 -13.24 -2.42 0.89
CA THR A 13 -13.80 -2.17 2.22
C THR A 13 -14.32 -3.35 2.98
N HIS A 14 -14.45 -4.50 2.36
CA HIS A 14 -14.89 -5.68 3.11
C HIS A 14 -14.15 -5.89 4.39
N PRO A 15 -12.82 -5.87 4.43
CA PRO A 15 -12.13 -6.11 5.71
C PRO A 15 -12.62 -5.18 6.78
N ILE A 16 -12.84 -3.90 6.47
CA ILE A 16 -13.24 -2.96 7.51
C ILE A 16 -14.62 -3.29 8.12
N ARG A 17 -15.54 -3.52 7.24
CA ARG A 17 -16.94 -3.86 7.64
C ARG A 17 -16.90 -5.11 8.51
N LEU A 18 -16.11 -6.10 8.11
CA LEU A 18 -15.89 -7.33 8.86
C LEU A 18 -15.29 -7.05 10.21
N LEU A 19 -14.24 -6.21 10.27
CA LEU A 19 -13.59 -5.92 11.53
C LEU A 19 -14.53 -5.08 12.43
N LEU A 20 -15.23 -4.14 11.84
CA LEU A 20 -16.23 -3.38 12.67
C LEU A 20 -17.22 -4.37 13.35
N GLU A 21 -17.65 -5.36 12.65
CA GLU A 21 -18.61 -6.36 13.19
C GLU A 21 -17.99 -7.29 14.19
N TYR A 22 -16.79 -7.79 13.90
CA TYR A 22 -16.04 -8.68 14.78
C TYR A 22 -15.80 -8.07 16.14
N THR A 23 -15.49 -6.80 16.20
CA THR A 23 -15.23 -6.03 17.38
C THR A 23 -16.48 -5.48 18.09
N ASP A 24 -17.65 -5.71 17.52
CA ASP A 24 -18.87 -5.19 18.13
C ASP A 24 -18.89 -3.67 18.22
N SER A 25 -18.27 -3.06 17.24
CA SER A 25 -18.19 -1.59 17.16
C SER A 25 -19.60 -1.05 16.87
N SER A 26 -19.86 0.14 17.42
CA SER A 26 -21.15 0.81 17.13
C SER A 26 -20.86 1.73 15.94
N TYR A 27 -21.44 1.40 14.80
CA TYR A 27 -21.14 2.22 13.62
C TYR A 27 -22.33 2.35 12.71
N GLU A 28 -22.29 3.38 11.90
CA GLU A 28 -23.29 3.63 10.87
C GLU A 28 -22.52 3.70 9.57
N GLU A 29 -23.16 3.36 8.49
CA GLU A 29 -22.55 3.42 7.21
C GLU A 29 -23.23 4.38 6.28
N LYS A 30 -22.42 4.98 5.46
CA LYS A 30 -22.82 5.79 4.33
C LYS A 30 -22.30 5.08 3.09
N ARG A 31 -23.20 4.57 2.29
CA ARG A 31 -22.98 3.86 1.08
C ARG A 31 -23.33 4.67 -0.15
N TYR A 32 -22.37 5.38 -0.68
CA TYR A 32 -22.57 6.25 -1.87
C TYR A 32 -22.87 5.45 -3.11
N ALA A 33 -23.79 5.98 -3.94
CA ALA A 33 -24.07 5.25 -5.19
C ALA A 33 -23.38 5.99 -6.33
N MET A 34 -22.97 5.21 -7.31
CA MET A 34 -22.36 5.74 -8.52
C MET A 34 -23.45 5.58 -9.59
N GLY A 35 -23.58 6.52 -10.49
CA GLY A 35 -24.61 6.33 -11.55
C GLY A 35 -23.99 5.38 -12.60
N ASP A 36 -24.85 5.02 -13.52
CA ASP A 36 -24.56 4.17 -14.66
C ASP A 36 -23.76 4.87 -15.77
N ALA A 37 -23.30 3.99 -16.67
CA ALA A 37 -22.60 4.39 -17.89
C ALA A 37 -23.62 5.27 -18.66
N PRO A 38 -23.12 6.15 -19.48
CA PRO A 38 -21.71 6.30 -19.83
C PRO A 38 -20.98 7.28 -18.95
N ASP A 39 -21.66 8.05 -18.13
CA ASP A 39 -21.06 9.12 -17.33
C ASP A 39 -20.63 8.72 -15.93
N TYR A 40 -21.15 7.65 -15.42
CA TYR A 40 -20.86 7.17 -14.07
C TYR A 40 -20.71 8.31 -13.07
N ASP A 41 -21.85 8.94 -12.85
CA ASP A 41 -21.98 10.11 -11.96
C ASP A 41 -21.52 9.77 -10.54
N ARG A 42 -20.65 10.63 -10.01
CA ARG A 42 -20.16 10.42 -8.64
C ARG A 42 -20.59 11.49 -7.69
N SER A 43 -21.55 12.32 -8.10
CA SER A 43 -21.96 13.49 -7.31
C SER A 43 -22.41 13.28 -5.91
N GLN A 44 -22.95 12.10 -5.56
CA GLN A 44 -23.35 11.87 -4.16
C GLN A 44 -22.12 12.02 -3.24
N TRP A 45 -20.97 11.54 -3.73
CA TRP A 45 -19.71 11.61 -2.92
C TRP A 45 -19.09 13.00 -3.06
N LEU A 46 -18.97 13.41 -4.30
CA LEU A 46 -18.30 14.68 -4.69
C LEU A 46 -18.93 15.89 -4.04
N ASN A 47 -20.21 15.78 -3.81
CA ASN A 47 -20.97 16.85 -3.13
C ASN A 47 -20.46 17.04 -1.72
N GLU A 48 -19.97 15.99 -1.09
CA GLU A 48 -19.45 16.10 0.27
C GLU A 48 -17.97 15.81 0.43
N LYS A 49 -17.23 15.47 -0.58
CA LYS A 49 -15.80 15.10 -0.45
C LYS A 49 -14.93 16.01 0.35
N PHE A 50 -15.10 17.33 0.11
CA PHE A 50 -14.38 18.40 0.80
C PHE A 50 -15.12 19.07 1.94
N LYS A 51 -16.14 18.44 2.50
CA LYS A 51 -16.93 18.98 3.58
C LYS A 51 -16.81 18.17 4.85
N LEU A 52 -16.07 17.06 4.86
CA LEU A 52 -16.07 16.17 6.02
C LEU A 52 -14.91 16.37 6.98
N GLY A 53 -14.07 17.32 6.66
CA GLY A 53 -12.91 17.59 7.55
C GLY A 53 -11.76 16.60 7.41
N LEU A 54 -11.75 15.83 6.32
CA LEU A 54 -10.71 14.79 6.13
C LEU A 54 -9.41 15.47 5.66
N ASP A 55 -8.27 15.02 6.19
CA ASP A 55 -6.99 15.58 5.71
C ASP A 55 -6.73 15.28 4.27
N PHE A 56 -6.91 14.02 3.84
CA PHE A 56 -6.66 13.64 2.42
C PHE A 56 -7.93 12.90 1.98
N PRO A 57 -8.91 13.68 1.48
CA PRO A 57 -10.24 13.16 1.21
C PRO A 57 -10.25 11.94 0.33
N ASN A 58 -10.98 10.91 0.75
CA ASN A 58 -10.95 9.69 -0.08
C ASN A 58 -11.97 8.71 0.47
N LEU A 59 -12.22 7.66 -0.27
CA LEU A 59 -13.10 6.56 0.20
C LEU A 59 -12.21 5.24 0.20
N PRO A 60 -12.35 4.48 1.24
CA PRO A 60 -13.20 4.71 2.40
C PRO A 60 -12.68 5.76 3.36
N TYR A 61 -13.59 6.18 4.28
CA TYR A 61 -13.22 7.04 5.39
C TYR A 61 -13.92 6.52 6.64
N LEU A 62 -13.38 6.77 7.79
CA LEU A 62 -13.87 6.46 9.10
C LEU A 62 -13.82 7.75 9.95
N ILE A 63 -14.99 8.06 10.54
CA ILE A 63 -15.08 9.21 11.47
C ILE A 63 -15.37 8.65 12.86
N ASP A 64 -14.44 8.84 13.73
CA ASP A 64 -14.56 8.33 15.10
C ASP A 64 -14.33 9.54 16.00
N GLY A 65 -15.46 10.25 16.14
CA GLY A 65 -15.49 11.48 16.97
C GLY A 65 -14.70 12.55 16.24
N SER A 66 -13.70 13.05 16.93
CA SER A 66 -12.82 14.07 16.31
C SER A 66 -11.82 13.36 15.39
N ARG A 67 -11.67 12.07 15.52
CA ARG A 67 -10.71 11.31 14.68
C ARG A 67 -11.33 11.02 13.31
N LYS A 68 -10.65 11.45 12.29
CA LYS A 68 -11.11 11.26 10.92
C LYS A 68 -9.91 10.59 10.20
N ILE A 69 -10.24 9.42 9.69
CA ILE A 69 -9.18 8.67 8.95
C ILE A 69 -9.55 8.34 7.54
N THR A 70 -8.58 8.33 6.61
CA THR A 70 -8.70 7.80 5.30
C THR A 70 -7.49 6.79 5.12
N GLN A 71 -7.58 6.12 4.06
CA GLN A 71 -6.67 5.06 3.57
C GLN A 71 -7.10 3.74 4.25
N SER A 72 -7.63 2.77 3.54
CA SER A 72 -8.09 1.49 4.15
C SER A 72 -7.18 0.87 5.19
N ASN A 73 -5.86 0.85 4.86
CA ASN A 73 -4.90 0.18 5.83
C ASN A 73 -4.81 0.97 7.07
N ALA A 74 -4.87 2.32 6.97
CA ALA A 74 -4.80 3.15 8.19
C ALA A 74 -6.04 2.98 9.09
N ILE A 75 -7.19 2.82 8.47
CA ILE A 75 -8.47 2.55 9.19
C ILE A 75 -8.34 1.16 9.84
N MET A 76 -7.80 0.18 9.07
CA MET A 76 -7.67 -1.17 9.61
C MET A 76 -6.77 -1.13 10.83
N ARG A 77 -5.64 -0.44 10.78
CA ARG A 77 -4.71 -0.41 11.91
C ARG A 77 -5.26 0.34 13.10
N TYR A 78 -6.00 1.39 12.77
CA TYR A 78 -6.64 2.19 13.89
C TYR A 78 -7.56 1.31 14.71
N LEU A 79 -8.40 0.53 14.07
CA LEU A 79 -9.36 -0.35 14.74
C LEU A 79 -8.63 -1.56 15.37
N ALA A 80 -7.54 -1.98 14.74
CA ALA A 80 -6.71 -3.08 15.28
C ALA A 80 -6.11 -2.60 16.59
N ARG A 81 -5.49 -1.46 16.68
CA ARG A 81 -4.89 -0.95 17.92
C ARG A 81 -5.92 -0.80 19.05
N LYS A 82 -7.07 -0.28 18.65
CA LYS A 82 -8.16 -0.03 19.62
C LYS A 82 -8.58 -1.32 20.26
N HIS A 83 -8.56 -2.42 19.53
CA HIS A 83 -9.08 -3.71 19.93
C HIS A 83 -8.09 -4.81 20.23
N HIS A 84 -6.83 -4.41 20.19
CA HIS A 84 -5.68 -5.32 20.46
C HIS A 84 -5.61 -6.42 19.43
N LEU A 85 -5.70 -6.09 18.16
CA LEU A 85 -5.69 -7.08 17.09
C LEU A 85 -4.49 -6.95 16.17
N CYS A 86 -3.44 -6.46 16.76
CA CYS A 86 -2.12 -6.30 16.09
C CYS A 86 -1.23 -7.49 16.54
N GLY A 87 -0.12 -7.69 15.86
CA GLY A 87 0.82 -8.74 16.35
C GLY A 87 1.39 -8.30 17.70
N GLU A 88 1.77 -9.28 18.54
CA GLU A 88 2.29 -8.99 19.87
C GLU A 88 3.78 -9.12 20.05
N THR A 89 4.44 -9.79 19.13
CA THR A 89 5.92 -9.95 19.18
C THR A 89 6.42 -9.41 17.85
N GLU A 90 7.72 -9.28 17.73
CA GLU A 90 8.34 -8.83 16.47
C GLU A 90 7.98 -9.69 15.29
N GLU A 91 7.99 -11.01 15.53
CA GLU A 91 7.76 -12.00 14.46
C GLU A 91 6.33 -11.84 13.90
N GLU A 92 5.38 -11.66 14.81
CA GLU A 92 3.99 -11.46 14.29
C GLU A 92 3.86 -10.12 13.57
N ARG A 93 4.56 -9.12 14.10
CA ARG A 93 4.56 -7.78 13.46
C ARG A 93 5.04 -7.77 12.06
N ILE A 94 6.20 -8.43 11.87
CA ILE A 94 6.75 -8.57 10.51
C ILE A 94 5.79 -9.35 9.63
N ARG A 95 5.26 -10.50 10.11
CA ARG A 95 4.34 -11.27 9.27
C ARG A 95 3.14 -10.35 8.92
N ALA A 96 2.62 -9.64 9.94
CA ALA A 96 1.47 -8.76 9.67
C ALA A 96 1.74 -7.73 8.59
N ASP A 97 2.87 -7.05 8.71
CA ASP A 97 3.37 -6.04 7.75
C ASP A 97 3.45 -6.55 6.36
N ILE A 98 4.11 -7.74 6.22
CA ILE A 98 4.27 -8.30 4.86
C ILE A 98 2.89 -8.61 4.25
N VAL A 99 2.09 -9.33 5.01
CA VAL A 99 0.77 -9.71 4.44
C VAL A 99 -0.09 -8.46 4.06
N GLU A 100 -0.09 -7.51 4.98
CA GLU A 100 -0.88 -6.27 4.63
C GLU A 100 -0.59 -5.80 3.24
N ASN A 101 0.77 -5.62 3.04
CA ASN A 101 1.24 -5.09 1.75
C ASN A 101 1.06 -6.02 0.59
N GLN A 102 1.25 -7.33 0.83
CA GLN A 102 1.13 -8.33 -0.23
C GLN A 102 -0.37 -8.39 -0.66
N VAL A 103 -1.26 -8.32 0.33
CA VAL A 103 -2.70 -8.34 -0.09
C VAL A 103 -2.95 -7.21 -1.09
N MET A 104 -2.44 -6.04 -0.72
CA MET A 104 -2.62 -4.82 -1.58
C MET A 104 -2.16 -5.11 -2.95
N ASP A 105 -0.94 -5.64 -3.11
CA ASP A 105 -0.46 -6.02 -4.47
C ASP A 105 -1.40 -6.92 -5.26
N ASN A 106 -1.80 -7.99 -4.58
CA ASN A 106 -2.70 -8.99 -5.26
C ASN A 106 -4.07 -8.34 -5.60
N ARG A 107 -4.50 -7.42 -4.75
CA ARG A 107 -5.77 -6.66 -5.00
C ARG A 107 -5.53 -5.81 -6.22
N MET A 108 -4.43 -5.04 -6.31
CA MET A 108 -4.18 -4.19 -7.52
C MET A 108 -4.08 -4.96 -8.81
N GLN A 109 -3.51 -6.16 -8.77
CA GLN A 109 -3.38 -6.99 -9.99
C GLN A 109 -4.78 -7.36 -10.50
N LEU A 110 -5.66 -7.67 -9.58
CA LEU A 110 -7.07 -8.04 -10.00
C LEU A 110 -7.83 -6.89 -10.67
N ILE A 111 -7.67 -5.75 -10.00
CA ILE A 111 -8.22 -4.45 -10.47
C ILE A 111 -7.71 -4.11 -11.84
N MET A 112 -6.38 -4.19 -12.03
CA MET A 112 -5.83 -3.77 -13.33
C MET A 112 -6.52 -4.64 -14.38
N LEU A 113 -6.71 -5.91 -14.03
CA LEU A 113 -7.33 -6.80 -15.03
C LEU A 113 -8.79 -6.42 -15.30
N CYS A 114 -9.55 -6.34 -14.20
CA CYS A 114 -11.00 -6.04 -14.31
C CYS A 114 -11.38 -4.67 -14.86
N TYR A 115 -10.47 -3.72 -14.88
CA TYR A 115 -10.80 -2.41 -15.50
C TYR A 115 -10.13 -2.27 -16.86
N ASN A 116 -9.50 -3.30 -17.36
CA ASN A 116 -8.80 -3.33 -18.65
C ASN A 116 -9.87 -3.61 -19.71
N PRO A 117 -9.95 -2.71 -20.66
CA PRO A 117 -10.94 -2.81 -21.75
C PRO A 117 -10.80 -4.17 -22.43
N ASP A 118 -9.59 -4.72 -22.32
CA ASP A 118 -9.28 -6.03 -22.93
C ASP A 118 -9.47 -7.25 -22.04
N PHE A 119 -10.15 -7.10 -20.93
CA PHE A 119 -10.47 -8.08 -19.94
C PHE A 119 -10.55 -9.49 -20.54
N GLU A 120 -11.44 -9.72 -21.46
CA GLU A 120 -11.72 -11.06 -21.99
C GLU A 120 -10.53 -11.73 -22.65
N LYS A 121 -9.72 -10.93 -23.32
CA LYS A 121 -8.54 -11.43 -24.02
C LYS A 121 -7.36 -11.50 -23.09
N GLN A 122 -7.35 -10.70 -22.03
CA GLN A 122 -6.32 -10.68 -21.00
C GLN A 122 -6.51 -11.77 -19.94
N LYS A 123 -7.76 -12.16 -19.76
CA LYS A 123 -8.17 -13.16 -18.78
C LYS A 123 -7.36 -14.43 -18.73
N PRO A 124 -7.09 -15.05 -19.87
CA PRO A 124 -6.34 -16.31 -19.95
C PRO A 124 -4.96 -16.23 -19.33
N GLU A 125 -4.25 -15.17 -19.64
CA GLU A 125 -2.93 -14.88 -19.10
C GLU A 125 -2.97 -14.70 -17.61
N PHE A 126 -4.07 -14.10 -17.12
CA PHE A 126 -4.19 -13.82 -15.69
C PHE A 126 -4.40 -15.12 -14.96
N LEU A 127 -5.27 -15.95 -15.52
CA LEU A 127 -5.57 -17.25 -14.87
C LEU A 127 -4.31 -18.08 -14.54
N LYS A 128 -3.41 -18.11 -15.51
CA LYS A 128 -2.16 -18.89 -15.40
C LYS A 128 -1.34 -18.48 -14.19
N THR A 129 -1.43 -17.19 -13.83
CA THR A 129 -0.69 -16.68 -12.69
C THR A 129 -1.28 -17.02 -11.33
N ILE A 130 -2.54 -17.43 -11.27
CA ILE A 130 -3.19 -17.70 -10.01
C ILE A 130 -2.59 -18.75 -9.13
N PRO A 131 -2.21 -19.93 -9.70
CA PRO A 131 -1.72 -21.01 -8.84
C PRO A 131 -0.45 -20.59 -8.11
N GLU A 132 0.39 -19.78 -8.71
CA GLU A 132 1.60 -19.26 -8.04
C GLU A 132 1.31 -18.31 -6.91
N LYS A 133 0.37 -17.39 -7.10
CA LYS A 133 -0.05 -16.51 -5.97
C LYS A 133 -0.57 -17.27 -4.79
N MET A 134 -1.45 -18.28 -5.05
CA MET A 134 -2.06 -19.04 -3.97
C MET A 134 -1.02 -19.92 -3.24
N LYS A 135 -0.11 -20.55 -4.02
CA LYS A 135 0.95 -21.35 -3.40
C LYS A 135 1.72 -20.54 -2.40
N LEU A 136 2.05 -19.28 -2.74
CA LEU A 136 2.79 -18.41 -1.80
C LEU A 136 2.03 -18.17 -0.52
N TYR A 137 0.70 -17.95 -0.61
CA TYR A 137 -0.11 -17.79 0.63
C TYR A 137 -0.18 -19.15 1.38
N SER A 138 -0.35 -20.19 0.54
CA SER A 138 -0.40 -21.53 1.20
C SER A 138 0.86 -21.86 2.00
N GLU A 139 2.01 -21.69 1.36
CA GLU A 139 3.29 -21.95 2.13
C GLU A 139 3.56 -20.98 3.20
N PHE A 140 3.14 -19.70 3.05
CA PHE A 140 3.33 -18.74 4.16
C PHE A 140 2.50 -19.13 5.37
N LEU A 141 1.26 -19.57 5.16
CA LEU A 141 0.38 -19.88 6.33
C LEU A 141 0.84 -21.19 7.00
N GLY A 142 1.09 -22.17 6.15
CA GLY A 142 1.54 -23.46 6.61
C GLY A 142 0.49 -24.12 7.51
N LYS A 143 0.95 -24.47 8.68
CA LYS A 143 0.02 -25.12 9.62
C LYS A 143 -0.47 -24.15 10.68
N ARG A 144 -0.16 -22.86 10.60
CA ARG A 144 -0.71 -21.89 11.61
C ARG A 144 -2.23 -21.78 11.36
N PRO A 145 -2.96 -21.50 12.45
CA PRO A 145 -4.41 -21.27 12.34
C PRO A 145 -4.68 -19.91 11.68
N TRP A 146 -3.84 -18.94 11.93
CA TRP A 146 -3.96 -17.58 11.35
C TRP A 146 -2.65 -17.07 10.75
N PHE A 147 -2.73 -16.01 9.94
CA PHE A 147 -1.58 -15.47 9.24
C PHE A 147 -0.44 -14.96 10.09
N ALA A 148 -0.64 -14.39 11.25
CA ALA A 148 0.42 -13.80 12.01
C ALA A 148 0.97 -14.78 13.05
N GLY A 149 0.24 -15.84 13.34
CA GLY A 149 0.61 -16.77 14.39
C GLY A 149 -0.57 -17.53 14.92
N ASP A 150 -0.65 -17.58 16.23
CA ASP A 150 -1.67 -18.35 16.93
C ASP A 150 -2.97 -17.63 17.26
N LYS A 151 -3.01 -16.35 17.01
CA LYS A 151 -4.18 -15.52 17.30
C LYS A 151 -4.61 -14.70 16.09
N VAL A 152 -5.93 -14.53 15.98
CA VAL A 152 -6.46 -13.70 14.86
C VAL A 152 -5.81 -12.30 15.01
N THR A 153 -5.54 -11.72 13.85
CA THR A 153 -4.97 -10.32 13.94
C THR A 153 -5.74 -9.60 12.85
N TYR A 154 -5.57 -8.29 12.72
CA TYR A 154 -6.32 -7.62 11.61
C TYR A 154 -5.97 -8.14 10.28
N VAL A 155 -4.74 -8.71 10.12
CA VAL A 155 -4.36 -9.17 8.76
C VAL A 155 -5.18 -10.33 8.30
N ASP A 156 -5.76 -11.17 9.17
CA ASP A 156 -6.60 -12.29 8.66
C ASP A 156 -7.82 -11.73 7.93
N PHE A 157 -8.25 -10.56 8.36
CA PHE A 157 -9.40 -9.86 7.64
C PHE A 157 -9.05 -9.46 6.25
N LEU A 158 -7.86 -8.95 5.97
CA LEU A 158 -7.36 -8.60 4.65
C LEU A 158 -7.14 -9.87 3.82
N ALA A 159 -6.55 -10.87 4.48
CA ALA A 159 -6.23 -12.11 3.73
C ALA A 159 -7.52 -12.84 3.32
N TYR A 160 -8.41 -12.87 4.30
CA TYR A 160 -9.74 -13.54 3.97
C TYR A 160 -10.32 -12.94 2.74
N ASP A 161 -10.44 -11.61 2.70
CA ASP A 161 -11.11 -10.83 1.61
C ASP A 161 -10.49 -11.17 0.29
N ILE A 162 -9.13 -11.06 0.19
CA ILE A 162 -8.48 -11.31 -1.10
C ILE A 162 -8.53 -12.77 -1.55
N LEU A 163 -8.44 -13.69 -0.65
CA LEU A 163 -8.55 -15.13 -1.01
C LEU A 163 -10.00 -15.42 -1.45
N ASP A 164 -10.91 -14.78 -0.68
CA ASP A 164 -12.35 -14.96 -1.06
C ASP A 164 -12.57 -14.39 -2.44
N GLN A 165 -12.08 -13.16 -2.75
CA GLN A 165 -12.29 -12.62 -4.10
C GLN A 165 -11.68 -13.49 -5.21
N TYR A 166 -10.43 -13.95 -5.00
CA TYR A 166 -9.82 -14.78 -6.09
C TYR A 166 -10.67 -16.07 -6.23
N HIS A 167 -11.23 -16.52 -5.14
CA HIS A 167 -12.04 -17.77 -5.16
C HIS A 167 -13.34 -17.58 -5.92
N ILE A 168 -13.86 -16.35 -5.86
CA ILE A 168 -15.07 -16.03 -6.67
C ILE A 168 -14.77 -15.93 -8.12
N PHE A 169 -13.61 -15.35 -8.44
CA PHE A 169 -13.07 -15.15 -9.76
C PHE A 169 -12.71 -16.52 -10.42
N GLU A 170 -12.18 -17.40 -9.59
CA GLU A 170 -11.76 -18.74 -10.16
C GLU A 170 -11.99 -19.76 -9.07
N PRO A 171 -13.23 -20.27 -9.08
CA PRO A 171 -13.70 -21.19 -8.05
C PRO A 171 -12.83 -22.40 -7.81
N LYS A 172 -12.11 -22.87 -8.83
CA LYS A 172 -11.27 -24.08 -8.52
C LYS A 172 -9.87 -23.71 -8.06
N CYS A 173 -9.55 -22.43 -7.79
CA CYS A 173 -8.23 -21.95 -7.43
C CYS A 173 -7.62 -22.39 -6.13
N LEU A 174 -8.38 -22.86 -5.18
CA LEU A 174 -8.02 -23.32 -3.86
C LEU A 174 -8.07 -24.86 -3.76
N ASP A 175 -8.53 -25.50 -4.82
CA ASP A 175 -8.65 -26.99 -4.80
C ASP A 175 -7.32 -27.57 -4.31
N ALA A 176 -6.22 -27.19 -4.94
CA ALA A 176 -4.91 -27.73 -4.54
C ALA A 176 -4.38 -27.36 -3.19
N PHE A 177 -5.01 -26.40 -2.49
CA PHE A 177 -4.51 -25.86 -1.25
C PHE A 177 -5.39 -25.97 -0.03
N PRO A 178 -5.44 -27.20 0.47
CA PRO A 178 -6.22 -27.52 1.66
C PRO A 178 -6.18 -26.50 2.77
N ASN A 179 -5.03 -25.97 3.17
CA ASN A 179 -4.92 -25.12 4.36
C ASN A 179 -5.60 -23.73 4.12
N LEU A 180 -5.72 -23.42 2.85
CA LEU A 180 -6.39 -22.17 2.41
C LEU A 180 -7.90 -22.35 2.52
N LYS A 181 -8.33 -23.47 1.96
CA LYS A 181 -9.79 -23.82 2.04
C LYS A 181 -10.16 -23.82 3.51
N ASP A 182 -9.34 -24.39 4.37
CA ASP A 182 -9.52 -24.47 5.81
C ASP A 182 -9.51 -23.11 6.50
N PHE A 183 -8.65 -22.25 5.99
CA PHE A 183 -8.60 -20.87 6.60
C PHE A 183 -9.93 -20.14 6.27
N LEU A 184 -10.37 -20.28 5.04
CA LEU A 184 -11.66 -19.63 4.70
C LEU A 184 -12.79 -20.05 5.62
N ALA A 185 -12.93 -21.37 5.81
CA ALA A 185 -14.01 -21.91 6.63
C ALA A 185 -13.81 -21.51 8.06
N ARG A 186 -12.58 -21.48 8.59
CA ARG A 186 -12.36 -21.10 9.98
C ARG A 186 -12.78 -19.66 10.31
N PHE A 187 -12.44 -18.75 9.44
CA PHE A 187 -12.70 -17.32 9.50
C PHE A 187 -14.26 -17.12 9.49
N GLU A 188 -14.88 -17.71 8.50
CA GLU A 188 -16.34 -17.60 8.30
C GLU A 188 -17.12 -18.24 9.44
N GLY A 189 -16.38 -19.00 10.21
CA GLY A 189 -16.77 -19.78 11.36
C GLY A 189 -16.79 -18.93 12.59
N LEU A 190 -16.09 -17.81 12.57
CA LEU A 190 -16.10 -16.90 13.75
C LEU A 190 -17.55 -16.43 13.96
N LYS A 191 -17.94 -16.49 15.22
CA LYS A 191 -19.33 -16.22 15.64
C LYS A 191 -19.83 -14.90 15.06
N LYS A 192 -19.13 -13.80 15.30
CA LYS A 192 -19.55 -12.49 14.78
C LYS A 192 -19.60 -12.37 13.29
N ILE A 193 -18.69 -13.06 12.59
CA ILE A 193 -18.65 -13.07 11.15
C ILE A 193 -19.90 -13.81 10.65
N SER A 194 -20.05 -15.02 11.26
CA SER A 194 -21.16 -15.89 10.81
C SER A 194 -22.50 -15.15 10.83
N ALA A 195 -22.74 -14.52 11.96
CA ALA A 195 -23.97 -13.76 12.19
C ALA A 195 -24.07 -12.59 11.25
N TYR A 196 -23.02 -11.81 10.97
CA TYR A 196 -23.00 -10.75 9.97
C TYR A 196 -23.35 -11.16 8.56
N MET A 197 -22.85 -12.32 8.13
CA MET A 197 -23.10 -12.82 6.79
C MET A 197 -24.59 -13.10 6.47
N LYS A 198 -25.37 -13.25 7.49
CA LYS A 198 -26.84 -13.47 7.40
C LYS A 198 -27.58 -12.15 7.68
N SER A 199 -26.85 -11.07 7.92
CA SER A 199 -27.49 -9.78 8.27
C SER A 199 -27.95 -9.03 7.03
N SER A 200 -28.72 -7.95 7.29
CA SER A 200 -29.21 -7.07 6.24
C SER A 200 -28.06 -6.22 5.64
N ARG A 201 -27.01 -6.10 6.45
CA ARG A 201 -25.85 -5.28 6.11
C ARG A 201 -24.80 -5.92 5.20
N TYR A 202 -24.85 -7.23 5.13
CA TYR A 202 -23.87 -8.02 4.38
C TYR A 202 -23.87 -7.66 2.94
N LEU A 203 -22.67 -7.35 2.42
CA LEU A 203 -22.55 -6.97 1.00
C LEU A 203 -21.37 -7.67 0.36
N SER A 204 -21.60 -8.85 -0.19
CA SER A 204 -20.47 -9.58 -0.80
C SER A 204 -20.13 -9.26 -2.24
N THR A 205 -21.14 -8.94 -3.08
CA THR A 205 -20.92 -8.59 -4.50
C THR A 205 -21.92 -7.47 -4.80
N PRO A 206 -21.72 -6.64 -5.76
CA PRO A 206 -20.62 -6.64 -6.71
C PRO A 206 -19.38 -6.23 -5.89
N ILE A 207 -18.30 -6.70 -6.51
CA ILE A 207 -16.97 -6.40 -5.90
C ILE A 207 -16.56 -5.03 -6.44
N PHE A 208 -16.82 -4.82 -7.73
CA PHE A 208 -16.28 -3.60 -8.37
C PHE A 208 -17.40 -2.64 -8.76
N SER A 209 -16.95 -1.44 -9.13
CA SER A 209 -17.89 -0.35 -9.51
C SER A 209 -18.45 -0.70 -10.89
N LYS A 210 -19.34 0.13 -11.41
CA LYS A 210 -20.02 -0.16 -12.69
C LYS A 210 -19.09 -0.03 -13.89
N LEU A 211 -17.96 0.62 -13.70
CA LEU A 211 -16.90 0.81 -14.67
C LEU A 211 -16.21 -0.53 -14.99
N ALA A 212 -16.17 -1.45 -14.05
CA ALA A 212 -15.43 -2.71 -14.27
C ALA A 212 -16.02 -3.60 -15.35
N GLN A 213 -15.21 -4.53 -15.76
CA GLN A 213 -15.55 -5.56 -16.76
C GLN A 213 -16.02 -6.83 -16.11
N TRP A 214 -15.79 -6.96 -14.81
CA TRP A 214 -16.25 -8.17 -14.08
C TRP A 214 -16.75 -7.77 -12.71
N SER A 215 -17.74 -8.45 -12.22
CA SER A 215 -18.41 -8.27 -10.92
C SER A 215 -18.71 -6.77 -10.72
N ASN A 216 -19.45 -6.22 -11.68
CA ASN A 216 -19.69 -4.76 -11.71
C ASN A 216 -21.15 -4.32 -11.49
N LYS A 217 -22.00 -5.30 -11.22
CA LYS A 217 -23.42 -5.05 -11.04
C LYS A 217 -23.95 -6.07 -10.04
N PRO B 1 26.73 -8.33 7.22
CA PRO B 1 25.93 -7.10 7.34
C PRO B 1 24.55 -7.47 6.72
N MET B 2 23.74 -6.44 6.66
CA MET B 2 22.41 -6.59 6.04
C MET B 2 22.59 -6.50 4.54
N ILE B 3 21.66 -7.09 3.80
CA ILE B 3 21.70 -6.98 2.35
C ILE B 3 20.41 -6.30 1.90
N LEU B 4 20.58 -5.31 1.08
CA LEU B 4 19.40 -4.71 0.39
C LEU B 4 19.47 -5.12 -1.08
N GLY B 5 18.49 -5.75 -1.67
CA GLY B 5 18.39 -6.04 -3.08
C GLY B 5 17.35 -5.23 -3.81
N PHE B 6 17.66 -4.65 -4.94
CA PHE B 6 16.68 -3.89 -5.74
C PHE B 6 17.32 -3.63 -7.07
N TRP B 7 16.58 -3.18 -8.08
CA TRP B 7 17.10 -2.72 -9.35
C TRP B 7 18.06 -1.53 -9.10
N ASN B 8 18.88 -1.32 -10.14
CA ASN B 8 19.85 -0.22 -10.10
C ASN B 8 19.17 1.08 -10.50
N VAL B 9 18.03 1.36 -9.85
CA VAL B 9 17.30 2.60 -10.19
C VAL B 9 16.74 3.03 -8.84
N ARG B 10 16.29 4.27 -8.78
CA ARG B 10 15.75 4.80 -7.51
C ARG B 10 14.43 4.11 -7.25
N GLY B 11 13.58 3.94 -8.23
CA GLY B 11 12.34 3.12 -7.98
C GLY B 11 11.57 3.65 -6.78
N LEU B 12 11.14 2.76 -5.90
CA LEU B 12 10.47 3.02 -4.62
C LEU B 12 11.40 2.61 -3.44
N THR B 13 12.71 2.53 -3.69
CA THR B 13 13.63 2.12 -2.62
C THR B 13 14.42 3.24 -2.00
N HIS B 14 14.23 4.44 -2.55
CA HIS B 14 14.92 5.63 -2.00
C HIS B 14 14.81 5.72 -0.53
N PRO B 15 13.56 5.65 0.03
CA PRO B 15 13.34 5.76 1.42
C PRO B 15 14.10 4.76 2.29
N ILE B 16 14.34 3.55 1.76
CA ILE B 16 15.05 2.52 2.52
C ILE B 16 16.61 2.80 2.46
N ARG B 17 17.03 3.18 1.28
CA ARG B 17 18.50 3.54 1.20
C ARG B 17 18.83 4.70 2.09
N LEU B 18 17.98 5.75 2.05
CA LEU B 18 18.09 6.84 3.07
C LEU B 18 18.09 6.46 4.49
N LEU B 19 17.18 5.61 4.99
CA LEU B 19 17.03 5.18 6.35
C LEU B 19 18.21 4.29 6.81
N LEU B 20 18.70 3.45 5.91
CA LEU B 20 19.90 2.62 6.26
C LEU B 20 21.01 3.59 6.63
N GLU B 21 21.17 4.61 5.80
CA GLU B 21 22.26 5.58 6.10
C GLU B 21 22.07 6.35 7.36
N TYR B 22 20.81 6.82 7.55
CA TYR B 22 20.47 7.63 8.73
C TYR B 22 20.76 6.86 9.99
N THR B 23 20.39 5.59 10.01
CA THR B 23 20.58 4.77 11.20
C THR B 23 22.00 4.25 11.26
N ASP B 24 22.89 4.70 10.41
CA ASP B 24 24.27 4.12 10.39
C ASP B 24 24.22 2.59 10.35
N SER B 25 23.38 1.98 9.57
CA SER B 25 23.23 0.53 9.46
C SER B 25 24.40 -0.03 8.64
N SER B 26 24.80 -1.25 8.99
CA SER B 26 25.93 -1.88 8.21
C SER B 26 25.29 -2.71 7.17
N TYR B 27 25.30 -2.28 5.93
CA TYR B 27 24.58 -2.91 4.83
C TYR B 27 25.41 -2.93 3.57
N GLU B 28 25.05 -3.86 2.72
CA GLU B 28 25.62 -3.88 1.38
C GLU B 28 24.40 -3.94 0.48
N GLU B 29 24.50 -3.48 -0.72
CA GLU B 29 23.40 -3.61 -1.65
C GLU B 29 23.73 -4.48 -2.85
N LYS B 30 22.74 -5.23 -3.24
CA LYS B 30 22.78 -5.95 -4.51
C LYS B 30 21.87 -5.19 -5.45
N ARG B 31 22.46 -4.50 -6.38
CA ARG B 31 21.81 -3.70 -7.41
C ARG B 31 21.73 -4.44 -8.70
N TYR B 32 20.55 -5.06 -8.97
CA TYR B 32 20.32 -5.86 -10.18
C TYR B 32 20.17 -4.97 -11.39
N ALA B 33 20.68 -5.36 -12.52
CA ALA B 33 20.57 -4.64 -13.77
C ALA B 33 19.57 -5.34 -14.68
N MET B 34 18.82 -4.55 -15.40
CA MET B 34 17.86 -5.03 -16.42
C MET B 34 18.57 -4.91 -17.76
N GLY B 35 18.56 -5.94 -18.57
CA GLY B 35 19.22 -5.76 -19.91
C GLY B 35 18.40 -4.71 -20.68
N ASP B 36 18.94 -4.31 -21.81
CA ASP B 36 18.29 -3.31 -22.66
C ASP B 36 17.42 -3.89 -23.76
N ALA B 37 16.60 -2.97 -24.28
CA ALA B 37 15.62 -3.26 -25.32
C ALA B 37 16.27 -4.15 -26.39
N PRO B 38 15.48 -4.99 -27.01
CA PRO B 38 14.03 -5.10 -26.86
C PRO B 38 13.53 -6.05 -25.79
N ASP B 39 14.37 -6.92 -25.25
CA ASP B 39 13.87 -7.90 -24.27
C ASP B 39 14.09 -7.50 -22.82
N TYR B 40 14.79 -6.43 -22.56
CA TYR B 40 15.04 -5.97 -21.20
C TYR B 40 15.09 -7.20 -20.27
N ASP B 41 16.18 -7.91 -20.41
CA ASP B 41 16.43 -9.14 -19.64
C ASP B 41 16.36 -8.84 -18.14
N ARG B 42 15.58 -9.63 -17.41
CA ARG B 42 15.49 -9.50 -15.95
C ARG B 42 16.14 -10.73 -15.28
N SER B 43 16.80 -11.54 -16.11
CA SER B 43 17.43 -12.79 -15.70
C SER B 43 18.34 -12.72 -14.48
N GLN B 44 19.05 -11.63 -14.28
CA GLN B 44 19.96 -11.44 -13.15
C GLN B 44 19.18 -11.64 -11.85
N TRP B 45 17.95 -11.13 -11.87
CA TRP B 45 17.10 -11.32 -10.64
C TRP B 45 16.41 -12.68 -10.67
N LEU B 46 15.79 -12.95 -11.77
CA LEU B 46 14.92 -14.12 -11.96
C LEU B 46 15.66 -15.44 -11.70
N ASN B 47 16.97 -15.45 -12.04
CA ASN B 47 17.75 -16.65 -11.71
C ASN B 47 17.81 -16.88 -10.22
N GLU B 48 17.65 -15.90 -9.34
CA GLU B 48 17.73 -16.20 -7.91
C GLU B 48 16.46 -15.81 -7.12
N LYS B 49 15.43 -15.37 -7.82
CA LYS B 49 14.17 -14.94 -7.17
C LYS B 49 13.65 -15.93 -6.15
N PHE B 50 13.63 -17.22 -6.54
CA PHE B 50 13.16 -18.27 -5.64
C PHE B 50 14.24 -19.03 -4.87
N LYS B 51 15.43 -18.54 -4.86
CA LYS B 51 16.52 -19.22 -4.14
C LYS B 51 16.98 -18.47 -2.93
N LEU B 52 16.35 -17.35 -2.62
CA LEU B 52 16.71 -16.56 -1.45
C LEU B 52 15.94 -16.89 -0.21
N GLY B 53 14.93 -17.75 -0.35
CA GLY B 53 14.23 -18.15 0.92
C GLY B 53 13.31 -17.00 1.38
N LEU B 54 12.88 -16.16 0.45
CA LEU B 54 11.90 -15.08 0.84
C LEU B 54 10.50 -15.74 0.80
N ASP B 55 9.63 -15.30 1.69
CA ASP B 55 8.25 -15.82 1.65
C ASP B 55 7.46 -15.41 0.43
N PHE B 56 7.55 -14.14 0.04
CA PHE B 56 6.81 -13.71 -1.16
C PHE B 56 7.94 -12.95 -1.89
N PRO B 57 8.64 -13.65 -2.76
CA PRO B 57 9.74 -13.02 -3.46
C PRO B 57 9.40 -11.76 -4.23
N ASN B 58 10.25 -10.73 -3.99
CA ASN B 58 10.03 -9.44 -4.72
C ASN B 58 11.23 -8.55 -4.50
N LEU B 59 11.26 -7.37 -5.16
CA LEU B 59 12.25 -6.35 -4.97
C LEU B 59 11.50 -5.04 -4.54
N PRO B 60 11.93 -4.40 -3.56
CA PRO B 60 13.10 -4.69 -2.75
C PRO B 60 12.95 -5.83 -1.74
N TYR B 61 14.08 -6.36 -1.28
CA TYR B 61 14.12 -7.29 -0.18
C TYR B 61 15.18 -6.80 0.79
N LEU B 62 15.06 -7.22 2.03
CA LEU B 62 16.13 -6.91 2.98
C LEU B 62 16.40 -8.27 3.67
N ILE B 63 17.70 -8.53 3.80
CA ILE B 63 18.11 -9.69 4.66
C ILE B 63 18.84 -9.12 5.85
N ASP B 64 18.41 -9.44 7.05
CA ASP B 64 18.96 -8.91 8.27
C ASP B 64 19.20 -10.07 9.23
N GLY B 65 20.34 -10.77 8.99
CA GLY B 65 20.58 -11.91 9.97
C GLY B 65 19.63 -13.03 9.52
N SER B 66 18.82 -13.48 10.46
CA SER B 66 17.85 -14.56 10.08
C SER B 66 16.56 -14.00 9.47
N ARG B 67 16.33 -12.72 9.64
CA ARG B 67 15.14 -12.04 9.07
C ARG B 67 15.22 -11.82 7.59
N LYS B 68 14.20 -12.16 6.80
CA LYS B 68 14.15 -11.88 5.36
C LYS B 68 12.81 -11.19 5.03
N ILE B 69 12.88 -9.98 4.58
CA ILE B 69 11.64 -9.16 4.41
C ILE B 69 11.47 -8.66 2.98
N THR B 70 10.23 -8.72 2.49
CA THR B 70 9.92 -8.07 1.20
C THR B 70 8.76 -7.05 1.55
N GLN B 71 8.35 -6.30 0.56
CA GLN B 71 7.31 -5.23 0.71
C GLN B 71 8.00 -3.99 1.24
N SER B 72 8.24 -2.96 0.42
CA SER B 72 8.95 -1.76 0.87
C SER B 72 8.42 -1.18 2.17
N ASN B 73 7.08 -1.20 2.31
CA ASN B 73 6.51 -0.60 3.54
C ASN B 73 6.92 -1.49 4.68
N ALA B 74 6.93 -2.80 4.43
CA ALA B 74 7.29 -3.68 5.58
C ALA B 74 8.77 -3.50 6.00
N ILE B 75 9.59 -3.28 4.97
CA ILE B 75 11.05 -3.07 5.30
C ILE B 75 11.14 -1.80 6.11
N MET B 76 10.47 -0.78 5.58
CA MET B 76 10.49 0.55 6.35
C MET B 76 10.07 0.39 7.75
N ARG B 77 8.91 -0.25 8.07
CA ARG B 77 8.44 -0.40 9.45
C ARG B 77 9.35 -1.28 10.29
N TYR B 78 9.97 -2.28 9.68
CA TYR B 78 10.92 -3.15 10.43
C TYR B 78 12.05 -2.24 10.92
N LEU B 79 12.62 -1.47 10.03
CA LEU B 79 13.78 -0.61 10.37
C LEU B 79 13.37 0.42 11.40
N ALA B 80 12.14 0.92 11.21
CA ALA B 80 11.58 1.95 12.15
C ALA B 80 11.49 1.37 13.54
N ARG B 81 10.95 0.13 13.69
CA ARG B 81 10.86 -0.50 15.00
C ARG B 81 12.26 -0.81 15.63
N LYS B 82 13.14 -1.26 14.77
CA LYS B 82 14.55 -1.57 15.11
C LYS B 82 15.26 -0.35 15.64
N HIS B 83 15.01 0.83 15.07
CA HIS B 83 15.72 2.04 15.49
C HIS B 83 14.87 3.08 16.19
N HIS B 84 13.73 2.62 16.63
CA HIS B 84 12.81 3.53 17.37
C HIS B 84 12.41 4.79 16.59
N LEU B 85 12.00 4.69 15.38
CA LEU B 85 11.62 5.79 14.50
C LEU B 85 10.12 5.69 14.14
N CYS B 86 9.37 5.24 15.11
CA CYS B 86 7.89 5.06 14.95
C CYS B 86 7.20 6.23 15.70
N GLY B 87 5.91 6.31 15.44
CA GLY B 87 5.12 7.34 16.18
C GLY B 87 5.06 6.85 17.61
N GLU B 88 5.07 7.74 18.57
CA GLU B 88 5.04 7.36 19.99
C GLU B 88 3.66 7.40 20.61
N THR B 89 2.76 8.19 20.07
CA THR B 89 1.40 8.31 20.65
C THR B 89 0.39 7.95 19.57
N GLU B 90 -0.86 7.82 20.00
CA GLU B 90 -1.93 7.51 19.06
C GLU B 90 -2.04 8.51 17.94
N GLU B 91 -1.90 9.80 18.24
CA GLU B 91 -2.04 10.85 17.18
C GLU B 91 -0.91 10.73 16.15
N GLU B 92 0.29 10.45 16.64
CA GLU B 92 1.47 10.28 15.75
C GLU B 92 1.34 8.99 14.96
N ARG B 93 0.86 7.89 15.52
CA ARG B 93 0.64 6.66 14.76
C ARG B 93 -0.36 6.82 13.61
N ILE B 94 -1.49 7.50 13.97
CA ILE B 94 -2.50 7.71 12.90
C ILE B 94 -1.88 8.54 11.79
N ARG B 95 -1.22 9.66 12.13
CA ARG B 95 -0.64 10.54 11.11
C ARG B 95 0.34 9.70 10.24
N ALA B 96 1.15 8.90 10.95
CA ALA B 96 2.11 8.02 10.17
C ALA B 96 1.39 7.03 9.29
N ASP B 97 0.40 6.32 9.76
CA ASP B 97 -0.39 5.36 8.95
C ASP B 97 -0.94 5.96 7.68
N ILE B 98 -1.56 7.16 7.83
CA ILE B 98 -2.19 7.81 6.66
C ILE B 98 -1.15 8.20 5.62
N VAL B 99 -0.10 8.84 6.13
CA VAL B 99 0.95 9.34 5.21
C VAL B 99 1.56 8.15 4.52
N GLU B 100 1.83 7.11 5.30
CA GLU B 100 2.50 5.95 4.60
C GLU B 100 1.70 5.54 3.41
N ASN B 101 0.37 5.30 3.60
CA ASN B 101 -0.49 4.85 2.51
C ASN B 101 -0.71 5.91 1.45
N GLN B 102 -0.84 7.17 1.88
CA GLN B 102 -1.07 8.24 0.85
C GLN B 102 0.12 8.35 -0.13
N VAL B 103 1.33 8.34 0.48
CA VAL B 103 2.58 8.37 -0.37
C VAL B 103 2.51 7.28 -1.42
N MET B 104 2.15 6.06 -1.04
CA MET B 104 2.03 4.94 -2.00
C MET B 104 1.02 5.27 -3.10
N ASP B 105 -0.14 5.84 -2.76
CA ASP B 105 -1.12 6.24 -3.78
C ASP B 105 -0.52 7.23 -4.76
N ASN B 106 0.14 8.26 -4.25
CA ASN B 106 0.74 9.33 -5.09
C ASN B 106 1.91 8.78 -5.91
N ARG B 107 2.53 7.76 -5.29
CA ARG B 107 3.60 7.06 -6.03
C ARG B 107 3.05 6.30 -7.22
N MET B 108 2.01 5.52 -7.05
CA MET B 108 1.35 4.75 -8.10
C MET B 108 0.79 5.66 -9.22
N GLN B 109 0.32 6.82 -8.80
CA GLN B 109 -0.25 7.80 -9.76
C GLN B 109 0.88 8.20 -10.70
N LEU B 110 2.04 8.48 -10.11
CA LEU B 110 3.18 8.92 -10.92
C LEU B 110 3.68 7.79 -11.82
N ILE B 111 3.87 6.61 -11.25
CA ILE B 111 4.35 5.43 -11.95
C ILE B 111 3.38 5.18 -13.12
N MET B 112 2.11 5.17 -12.77
CA MET B 112 1.08 4.91 -13.78
C MET B 112 1.10 5.90 -14.95
N LEU B 113 1.55 7.11 -14.68
CA LEU B 113 1.63 8.15 -15.69
C LEU B 113 2.89 7.96 -16.58
N CYS B 114 3.94 7.59 -15.89
CA CYS B 114 5.28 7.40 -16.45
C CYS B 114 5.43 6.13 -17.26
N TYR B 115 4.61 5.13 -17.03
CA TYR B 115 4.63 3.90 -17.83
C TYR B 115 3.59 3.86 -18.94
N ASN B 116 2.89 4.93 -19.15
CA ASN B 116 1.90 5.01 -20.25
C ASN B 116 2.58 5.53 -21.52
N PRO B 117 2.25 4.86 -22.62
CA PRO B 117 2.83 5.19 -23.95
C PRO B 117 2.38 6.58 -24.40
N ASP B 118 1.22 6.89 -23.84
CA ASP B 118 0.55 8.17 -24.06
C ASP B 118 1.01 9.25 -23.08
N PHE B 119 2.17 9.06 -22.51
CA PHE B 119 2.78 9.96 -21.53
C PHE B 119 2.68 11.45 -21.83
N GLU B 120 3.25 11.83 -22.95
CA GLU B 120 3.32 13.23 -23.44
C GLU B 120 1.91 13.80 -23.56
N LYS B 121 1.04 12.91 -23.98
CA LYS B 121 -0.38 13.17 -24.11
C LYS B 121 -0.96 13.46 -22.71
N GLN B 122 -0.60 12.61 -21.76
CA GLN B 122 -1.22 12.72 -20.43
C GLN B 122 -0.56 13.74 -19.55
N LYS B 123 0.70 14.10 -19.76
CA LYS B 123 1.37 15.08 -18.89
C LYS B 123 0.54 16.27 -18.47
N PRO B 124 0.19 17.11 -19.43
CA PRO B 124 -0.62 18.32 -19.26
C PRO B 124 -1.68 18.25 -18.17
N GLU B 125 -2.55 17.27 -18.24
CA GLU B 125 -3.65 17.09 -17.29
C GLU B 125 -3.13 16.70 -15.91
N PHE B 126 -2.09 15.85 -15.94
CA PHE B 126 -1.47 15.35 -14.70
C PHE B 126 -0.89 16.59 -13.98
N LEU B 127 -0.34 17.46 -14.83
CA LEU B 127 0.32 18.67 -14.29
C LEU B 127 -0.68 19.52 -13.52
N LYS B 128 -1.95 19.44 -13.89
CA LYS B 128 -2.94 20.29 -13.18
C LYS B 128 -3.44 19.70 -11.89
N THR B 129 -3.32 18.41 -11.69
CA THR B 129 -3.75 17.79 -10.43
C THR B 129 -2.67 18.03 -9.37
N ILE B 130 -1.48 18.42 -9.78
CA ILE B 130 -0.42 18.57 -8.75
C ILE B 130 -0.69 19.57 -7.66
N PRO B 131 -1.07 20.79 -8.01
CA PRO B 131 -1.30 21.85 -7.04
C PRO B 131 -2.16 21.30 -5.91
N GLU B 132 -3.16 20.53 -6.30
CA GLU B 132 -4.08 20.03 -5.27
C GLU B 132 -3.41 18.98 -4.42
N LYS B 133 -2.54 18.16 -5.03
CA LYS B 133 -1.86 17.13 -4.18
C LYS B 133 -0.98 17.77 -3.14
N MET B 134 -0.14 18.70 -3.57
CA MET B 134 0.83 19.40 -2.72
C MET B 134 0.08 20.15 -1.61
N LYS B 135 -1.01 20.78 -2.03
CA LYS B 135 -1.80 21.58 -1.02
C LYS B 135 -2.17 20.71 0.15
N LEU B 136 -2.61 19.48 -0.15
CA LEU B 136 -2.97 18.55 0.95
C LEU B 136 -1.77 18.21 1.84
N TYR B 137 -0.58 17.95 1.23
CA TYR B 137 0.58 17.66 2.11
C TYR B 137 0.87 18.91 2.94
N SER B 138 0.86 20.04 2.23
CA SER B 138 1.16 21.33 2.89
C SER B 138 0.26 21.61 4.08
N GLU B 139 -1.05 21.45 3.88
CA GLU B 139 -1.97 21.72 5.02
C GLU B 139 -1.80 20.70 6.11
N PHE B 140 -1.55 19.45 5.74
CA PHE B 140 -1.36 18.37 6.72
C PHE B 140 -0.15 18.63 7.62
N LEU B 141 0.94 19.07 6.99
CA LEU B 141 2.18 19.38 7.69
C LEU B 141 1.98 20.64 8.59
N GLY B 142 1.52 21.67 7.92
CA GLY B 142 1.28 22.92 8.69
C GLY B 142 2.64 23.44 9.18
N LYS B 143 2.70 23.74 10.45
CA LYS B 143 3.83 24.39 11.11
C LYS B 143 4.83 23.46 11.80
N ARG B 144 4.51 22.18 11.86
CA ARG B 144 5.29 21.10 12.41
C ARG B 144 6.61 20.92 11.62
N PRO B 145 7.64 20.51 12.37
CA PRO B 145 8.93 20.24 11.71
C PRO B 145 8.90 18.92 10.91
N TRP B 146 8.07 17.98 11.29
CA TRP B 146 8.10 16.59 10.67
C TRP B 146 6.67 16.12 10.55
N PHE B 147 6.39 15.16 9.68
CA PHE B 147 5.01 14.75 9.40
C PHE B 147 4.26 14.08 10.51
N ALA B 148 4.91 13.41 11.48
CA ALA B 148 4.15 12.69 12.50
C ALA B 148 3.97 13.60 13.72
N GLY B 149 4.86 14.57 13.82
CA GLY B 149 4.88 15.53 14.92
C GLY B 149 6.26 16.07 15.23
N ASP B 150 6.65 15.95 16.48
CA ASP B 150 7.88 16.52 17.06
C ASP B 150 9.18 15.81 16.72
N LYS B 151 9.09 14.64 16.11
CA LYS B 151 10.38 13.88 15.95
C LYS B 151 10.40 13.25 14.56
N VAL B 152 11.58 13.11 13.98
CA VAL B 152 11.74 12.43 12.70
C VAL B 152 11.21 11.01 12.95
N THR B 153 10.47 10.52 12.02
CA THR B 153 9.93 9.15 12.05
C THR B 153 10.12 8.60 10.64
N TYR B 154 9.92 7.33 10.45
CA TYR B 154 10.16 6.73 9.11
C TYR B 154 9.31 7.37 8.02
N VAL B 155 8.14 7.98 8.42
CA VAL B 155 7.27 8.47 7.30
C VAL B 155 7.90 9.68 6.63
N ASP B 156 8.75 10.40 7.30
CA ASP B 156 9.42 11.57 6.75
C ASP B 156 10.32 11.12 5.58
N PHE B 157 10.80 9.85 5.70
CA PHE B 157 11.69 9.38 4.55
C PHE B 157 10.83 9.14 3.36
N LEU B 158 9.59 8.66 3.70
CA LEU B 158 8.63 8.40 2.59
C LEU B 158 8.17 9.70 1.94
N ALA B 159 7.76 10.63 2.83
CA ALA B 159 7.27 11.95 2.32
C ALA B 159 8.36 12.66 1.56
N TYR B 160 9.57 12.65 2.12
CA TYR B 160 10.70 13.28 1.39
C TYR B 160 10.79 12.78 -0.03
N ASP B 161 10.76 11.44 -0.21
CA ASP B 161 11.00 10.82 -1.52
C ASP B 161 9.95 11.25 -2.56
N ILE B 162 8.70 11.21 -2.10
CA ILE B 162 7.65 11.52 -3.09
C ILE B 162 7.59 13.03 -3.41
N LEU B 163 7.79 13.88 -2.44
CA LEU B 163 7.84 15.35 -2.70
C LEU B 163 9.09 15.58 -3.60
N ASP B 164 10.23 15.01 -3.24
CA ASP B 164 11.38 15.09 -4.16
C ASP B 164 11.03 14.72 -5.59
N GLN B 165 10.36 13.59 -5.81
CA GLN B 165 10.05 13.10 -7.14
C GLN B 165 9.11 14.05 -7.91
N TYR B 166 8.09 14.55 -7.20
CA TYR B 166 7.13 15.47 -7.80
C TYR B 166 7.86 16.73 -8.20
N HIS B 167 8.77 17.15 -7.39
CA HIS B 167 9.62 18.34 -7.65
C HIS B 167 10.56 18.18 -8.84
N ILE B 168 11.02 16.97 -9.12
CA ILE B 168 11.88 16.66 -10.26
C ILE B 168 10.98 16.73 -11.50
N PHE B 169 9.77 16.23 -11.33
CA PHE B 169 8.80 16.19 -12.44
C PHE B 169 8.27 17.58 -12.81
N GLU B 170 8.15 18.45 -11.85
CA GLU B 170 7.62 19.83 -12.02
C GLU B 170 8.36 20.72 -11.03
N PRO B 171 9.47 21.26 -11.47
CA PRO B 171 10.35 22.10 -10.65
C PRO B 171 9.66 23.21 -9.87
N LYS B 172 8.53 23.71 -10.35
CA LYS B 172 7.86 24.83 -9.66
C LYS B 172 6.73 24.42 -8.74
N CYS B 173 6.45 23.12 -8.67
CA CYS B 173 5.29 22.60 -7.93
C CYS B 173 5.18 22.93 -6.48
N LEU B 174 6.24 23.46 -5.91
CA LEU B 174 6.34 23.77 -4.48
C LEU B 174 6.58 25.27 -4.20
N ASP B 175 6.55 26.09 -5.23
CA ASP B 175 6.83 27.54 -4.95
C ASP B 175 5.72 28.12 -4.08
N ALA B 176 4.51 27.70 -4.33
CA ALA B 176 3.32 28.05 -3.55
C ALA B 176 3.29 27.52 -2.14
N PHE B 177 4.11 26.50 -1.81
CA PHE B 177 4.12 25.89 -0.48
C PHE B 177 5.46 25.89 0.19
N PRO B 178 5.83 26.99 0.85
CA PRO B 178 7.13 27.15 1.45
C PRO B 178 7.39 26.16 2.56
N ASN B 179 6.38 25.77 3.30
CA ASN B 179 6.62 24.79 4.39
C ASN B 179 7.11 23.43 3.78
N LEU B 180 6.73 23.08 2.63
CA LEU B 180 7.17 21.84 1.97
C LEU B 180 8.64 22.02 1.55
N LYS B 181 8.94 23.15 0.96
CA LYS B 181 10.35 23.46 0.55
C LYS B 181 11.26 23.45 1.75
N ASP B 182 10.77 23.94 2.85
CA ASP B 182 11.52 24.00 4.11
C ASP B 182 11.72 22.56 4.60
N PHE B 183 10.69 21.76 4.31
CA PHE B 183 10.77 20.33 4.87
C PHE B 183 11.88 19.64 4.05
N LEU B 184 11.94 19.83 2.76
CA LEU B 184 12.99 19.22 1.93
C LEU B 184 14.41 19.62 2.36
N ALA B 185 14.55 20.87 2.81
CA ALA B 185 15.85 21.41 3.20
C ALA B 185 16.19 20.88 4.56
N ARG B 186 15.19 20.74 5.43
CA ARG B 186 15.50 20.26 6.80
C ARG B 186 15.87 18.77 6.69
N PHE B 187 15.19 18.04 5.87
CA PHE B 187 15.49 16.58 5.70
C PHE B 187 16.92 16.45 5.11
N GLU B 188 17.16 17.13 4.04
CA GLU B 188 18.48 17.07 3.37
C GLU B 188 19.58 17.59 4.26
N GLY B 189 19.21 18.36 5.27
CA GLY B 189 20.14 18.98 6.21
C GLY B 189 20.50 17.99 7.31
N LEU B 190 19.79 16.88 7.40
CA LEU B 190 20.14 15.91 8.49
C LEU B 190 21.60 15.48 8.15
N LYS B 191 22.40 15.39 9.19
CA LYS B 191 23.85 15.13 9.08
C LYS B 191 24.23 13.93 8.23
N LYS B 192 23.70 12.77 8.62
CA LYS B 192 24.04 11.56 7.87
C LYS B 192 23.48 11.64 6.48
N ILE B 193 22.39 12.39 6.31
CA ILE B 193 21.78 12.51 4.97
C ILE B 193 22.67 13.30 3.99
N SER B 194 23.08 14.41 4.54
CA SER B 194 23.95 15.33 3.73
C SER B 194 25.17 14.58 3.19
N ALA B 195 25.85 13.86 4.05
CA ALA B 195 27.06 13.09 3.69
C ALA B 195 26.74 12.02 2.66
N TYR B 196 25.57 11.40 2.76
CA TYR B 196 25.17 10.34 1.82
C TYR B 196 24.99 10.93 0.43
N MET B 197 24.38 12.10 0.34
CA MET B 197 24.07 12.73 -0.95
C MET B 197 25.36 13.09 -1.76
N LYS B 198 26.45 13.21 -1.02
CA LYS B 198 27.73 13.49 -1.73
C LYS B 198 28.57 12.22 -1.94
N SER B 199 28.04 11.07 -1.59
CA SER B 199 28.80 9.80 -1.59
C SER B 199 28.63 9.11 -2.89
N SER B 200 29.47 8.05 -3.06
CA SER B 200 29.37 7.29 -4.34
C SER B 200 28.12 6.42 -4.33
N ARG B 201 27.55 6.19 -3.20
CA ARG B 201 26.39 5.23 -3.09
C ARG B 201 25.07 5.86 -3.48
N TYR B 202 25.04 7.18 -3.55
CA TYR B 202 23.81 7.95 -3.85
C TYR B 202 23.29 7.75 -5.24
N LEU B 203 21.98 7.48 -5.35
CA LEU B 203 21.37 7.19 -6.68
C LEU B 203 20.06 7.95 -6.80
N SER B 204 20.10 9.22 -7.25
CA SER B 204 18.75 9.89 -7.24
C SER B 204 18.13 9.75 -8.58
N THR B 205 18.84 9.36 -9.63
CA THR B 205 18.16 9.09 -10.90
C THR B 205 18.98 8.06 -11.65
N PRO B 206 18.41 7.29 -12.54
CA PRO B 206 17.02 7.34 -12.99
C PRO B 206 16.08 6.82 -11.92
N ILE B 207 14.80 7.17 -12.15
CA ILE B 207 13.76 6.81 -11.18
C ILE B 207 13.12 5.47 -11.53
N PHE B 208 12.85 5.38 -12.80
CA PHE B 208 12.12 4.30 -13.47
C PHE B 208 13.08 3.45 -14.32
N SER B 209 12.58 2.31 -14.73
CA SER B 209 13.33 1.36 -15.58
C SER B 209 13.40 1.99 -16.97
N LYS B 210 14.04 1.28 -17.90
CA LYS B 210 14.15 1.70 -19.29
C LYS B 210 12.76 1.65 -19.93
N LEU B 211 11.90 0.87 -19.30
CA LEU B 211 10.52 0.72 -19.78
C LEU B 211 9.83 2.10 -19.84
N ALA B 212 10.00 2.88 -18.80
CA ALA B 212 9.35 4.17 -18.61
C ALA B 212 9.65 5.22 -19.66
N GLN B 213 8.72 6.17 -19.65
CA GLN B 213 8.66 7.33 -20.53
C GLN B 213 9.32 8.59 -20.01
N TRP B 214 9.76 8.57 -18.77
CA TRP B 214 10.39 9.73 -18.13
C TRP B 214 11.34 9.14 -17.08
N SER B 215 12.44 9.85 -16.85
CA SER B 215 13.44 9.45 -15.86
C SER B 215 13.81 7.97 -16.03
N ASN B 216 13.95 7.53 -17.26
CA ASN B 216 14.19 6.14 -17.61
C ASN B 216 15.65 5.81 -17.95
N LYS B 217 16.47 6.83 -17.88
CA LYS B 217 17.88 6.76 -18.16
C LYS B 217 18.61 7.73 -17.22
S SO4 C . 2.22 -5.20 -7.98
O1 SO4 C . 1.02 -4.33 -7.79
O2 SO4 C . 2.06 -6.43 -7.11
O3 SO4 C . 2.24 -5.66 -9.42
O4 SO4 C . 3.51 -4.55 -7.64
S SO4 D . -9.33 13.31 -8.21
O1 SO4 D . -9.71 12.35 -7.12
O2 SO4 D . -8.13 12.76 -8.96
O3 SO4 D . -10.49 13.48 -9.15
O4 SO4 D . -8.95 14.66 -7.65
S SO4 E . -28.22 -8.27 13.35
O1 SO4 E . -27.07 -9.24 13.29
O2 SO4 E . -28.60 -7.90 11.94
O3 SO4 E . -29.43 -8.88 14.01
O4 SO4 E . -27.81 -7.06 14.13
C1 GPS F . -7.19 3.11 0.19
N1 GPS F . -5.12 3.56 -1.17
C2 GPS F . -12.42 6.23 -4.39
N2 GPS F . -10.54 4.97 -3.40
O2 GPS F . -13.41 6.19 -5.09
C3 GPS F . -12.08 9.51 -4.59
N3 GPS F . -11.85 7.23 -3.80
O5 GPS F . -10.17 1.48 -7.51
O11 GPS F . -8.09 3.49 0.98
O12 GPS F . -6.57 1.95 0.42
O31 GPS F . -11.17 9.34 -5.44
O32 GPS F . -12.60 10.74 -4.51
CA1 GPS F . -6.60 3.99 -0.86
CA2 GPS F . -11.60 4.88 -4.39
CA3 GPS F . -12.63 8.50 -3.64
CA4 GPS F . -11.47 2.14 -5.68
CA5 GPS F . -10.16 1.42 -6.07
CB1 GPS F . -7.39 3.70 -2.21
CB2 GPS F . -12.54 3.66 -4.20
CB4 GPS F . -12.69 1.36 -6.06
CB5 GPS F . -10.25 -0.07 -5.68
CD1 GPS F . -9.24 4.77 -3.60
CD4 GPS F . -15.05 1.46 -6.66
CD5 GPS F . -9.17 -1.98 -4.77
OE1 GPS F . -8.68 4.58 -4.73
CE4 GPS F . -15.07 0.07 -6.68
CE5 GPS F . -10.38 -2.70 -4.89
CG1 GPS F . -8.50 4.63 -2.33
SG2 GPS F . -11.50 2.21 -3.98
CG4 GPS F . -13.86 2.12 -6.31
CG5 GPS F . -9.08 -0.65 -5.23
CH4 GPS F . -12.70 -0.07 -6.18
CH5 GPS F . -11.44 -0.77 -5.78
CZ4 GPS F . -13.92 -0.70 -6.45
CZ5 GPS F . -11.54 -2.15 -5.40
C1 GPS G . 6.71 -3.13 -2.67
N1 GPS G . 4.30 -3.36 -3.26
C2 GPS G . 9.82 -5.62 -9.24
N2 GPS G . 8.66 -4.53 -7.38
O2 GPS G . 10.50 -5.56 -10.24
C3 GPS G . 9.49 -9.02 -9.03
N3 GPS G . 9.61 -6.65 -8.51
O5 GPS G . 6.80 -0.81 -10.80
O11 GPS G . 7.85 -3.48 -2.41
O12 GPS G . 6.19 -2.01 -2.09
O31 GPS G . 8.25 -8.94 -9.14
O32 GPS G . 9.93 -10.21 -9.42
CA1 GPS G . 5.73 -3.82 -3.60
CA2 GPS G . 9.15 -4.30 -8.76
CA3 GPS G . 10.39 -7.91 -8.67
CA4 GPS G . 8.77 -1.45 -9.68
CA5 GPS G . 7.42 -0.72 -9.51
CB1 GPS G . 6.11 -3.50 -5.04
CB2 GPS G . 10.21 -3.14 -8.75
CB4 GPS G . 9.78 -0.67 -10.46
CB5 GPS G . 7.71 0.74 -9.14
CD1 GPS G . 7.39 -4.42 -7.00
CD4 GPS G . 11.69 -0.75 -12.02
CD5 GPS G . 7.09 2.63 -7.76
OE1 GPS G . 6.41 -4.22 -7.80
CE4 GPS G . 11.68 0.66 -11.96
CE5 GPS G . 8.21 3.31 -8.25
CG1 GPS G . 7.18 -4.36 -5.55
SG2 GPS G . 9.40 -1.65 -8.11
CG4 GPS G . 10.68 -1.41 -11.31
CG5 GPS G . 6.83 1.32 -8.23
CH4 GPS G . 9.82 0.74 -10.47
CH5 GPS G . 8.81 1.41 -9.57
CZ4 GPS G . 10.81 1.42 -11.17
CZ5 GPS G . 9.11 2.76 -9.14
#